data_2YXD
#
_entry.id   2YXD
#
_cell.length_a   93.442
_cell.length_b   93.442
_cell.length_c   81.042
_cell.angle_alpha   90.00
_cell.angle_beta   90.00
_cell.angle_gamma   90.00
#
_symmetry.space_group_name_H-M   'P 41 21 2'
#
loop_
_entity.id
_entity.type
_entity.pdbx_description
1 polymer 'Probable cobalt-precorrin-6Y C(15)-methyltransferase [decarboxylating]'
2 non-polymer 'SULFATE ION'
3 non-polymer '2-(N-MORPHOLINO)-ETHANESULFONIC ACID'
4 water water
#
_entity_poly.entity_id   1
_entity_poly.type   'polypeptide(L)'
_entity_poly.pdbx_seq_one_letter_code
;(MSE)KY(MSE)IPDEEFIRREGVPITKEEIRAVSIGKLNLNKDDVVVDVGCGSGG(MSE)TVEIAKRCKFVYAIDYLDG
AIEVTKQNLAKFNIKNCQIIKGRAEDVLDKLEFNKAFIGGTKNIEKIIEILDKKKINHIVANTIVLENAAKIINEFESRG
YNVDAVNVFISYAKKIPSGH(MSE)FLAKNPITIIKAVR
;
_entity_poly.pdbx_strand_id   A,B
#
# COMPACT_ATOMS: atom_id res chain seq x y z
N ILE A 5 -9.67 0.45 -2.81
CA ILE A 5 -8.61 1.21 -3.50
C ILE A 5 -8.83 1.56 -5.08
N PRO A 6 -9.27 0.61 -5.94
CA PRO A 6 -9.12 0.59 -7.47
C PRO A 6 -8.76 1.86 -8.25
N ASP A 7 -8.17 1.69 -9.43
CA ASP A 7 -7.54 2.78 -10.20
C ASP A 7 -8.23 3.18 -11.52
N GLU A 8 -8.99 2.27 -12.09
CA GLU A 8 -9.67 2.52 -13.37
C GLU A 8 -11.03 3.23 -13.09
N GLU A 9 -11.42 3.21 -11.81
CA GLU A 9 -12.70 3.79 -11.40
C GLU A 9 -12.61 5.26 -10.83
N PHE A 10 -11.53 5.93 -11.26
CA PHE A 10 -11.21 7.33 -11.00
C PHE A 10 -11.31 8.18 -12.27
N ILE A 11 -11.81 9.39 -12.13
CA ILE A 11 -12.15 10.18 -13.26
C ILE A 11 -10.92 11.00 -13.51
N ARG A 12 -10.29 10.82 -14.67
CA ARG A 12 -9.02 11.51 -14.93
C ARG A 12 -9.26 12.61 -15.95
N ARG A 13 -8.21 13.39 -16.26
CA ARG A 13 -8.32 14.50 -17.19
C ARG A 13 -6.95 14.87 -17.59
N GLU A 14 -6.74 14.86 -18.90
CA GLU A 14 -5.44 15.28 -19.47
C GLU A 14 -4.90 16.55 -18.75
N GLY A 15 -3.57 16.62 -18.58
CA GLY A 15 -2.85 17.75 -17.94
C GLY A 15 -2.79 17.66 -16.39
N VAL A 16 -3.69 16.84 -15.81
CA VAL A 16 -3.87 16.66 -14.37
C VAL A 16 -3.40 15.26 -13.93
N PRO A 17 -2.42 15.21 -13.01
CA PRO A 17 -1.80 13.93 -12.56
C PRO A 17 -2.67 13.14 -11.57
N ILE A 18 -2.50 11.80 -11.57
CA ILE A 18 -3.15 10.94 -10.54
C ILE A 18 -2.13 9.95 -9.95
N THR A 19 -2.04 9.89 -8.62
CA THR A 19 -1.20 8.91 -7.91
C THR A 19 -1.60 7.46 -8.29
N LYS A 20 -0.70 6.65 -8.83
CA LYS A 20 -1.03 5.22 -8.99
C LYS A 20 -1.36 4.49 -7.74
N GLU A 21 -2.20 3.49 -7.93
CA GLU A 21 -2.84 2.71 -6.87
C GLU A 21 -1.86 2.18 -5.86
N GLU A 22 -0.73 1.65 -6.34
CA GLU A 22 0.16 1.03 -5.39
C GLU A 22 0.79 2.09 -4.46
N ILE A 23 1.14 3.23 -5.03
CA ILE A 23 1.63 4.39 -4.29
C ILE A 23 0.56 4.85 -3.27
N ARG A 24 -0.67 5.02 -3.69
CA ARG A 24 -1.62 5.46 -2.68
C ARG A 24 -1.83 4.50 -1.55
N ALA A 25 -1.76 3.22 -1.87
CA ALA A 25 -1.84 2.12 -0.83
C ALA A 25 -0.70 2.31 0.15
N VAL A 26 0.52 2.59 -0.33
CA VAL A 26 1.62 2.75 0.64
C VAL A 26 1.42 4.04 1.44
N SER A 27 1.07 5.14 0.75
CA SER A 27 1.03 6.48 1.35
C SER A 27 -0.06 6.50 2.39
N ILE A 28 -1.24 5.97 2.05
CA ILE A 28 -2.39 5.82 2.99
C ILE A 28 -1.98 5.10 4.28
N GLY A 29 -1.29 3.97 4.14
CA GLY A 29 -0.80 3.25 5.27
C GLY A 29 0.09 4.07 6.19
N LYS A 30 0.98 4.92 5.61
CA LYS A 30 1.88 5.73 6.40
C LYS A 30 1.13 6.78 7.26
N LEU A 31 -0.06 7.21 6.80
CA LEU A 31 -0.84 8.15 7.54
C LEU A 31 -1.52 7.57 8.79
N ASN A 32 -1.73 6.27 8.89
CA ASN A 32 -2.26 5.68 10.13
C ASN A 32 -3.50 6.45 10.63
N LEU A 33 -4.47 6.44 9.72
CA LEU A 33 -5.67 7.24 9.79
C LEU A 33 -6.70 6.55 10.70
N ASN A 34 -7.31 7.36 11.58
CA ASN A 34 -8.47 6.92 12.36
C ASN A 34 -9.61 7.97 12.32
N LYS A 35 -10.75 7.56 12.84
CA LYS A 35 -12.00 8.33 12.74
C LYS A 35 -11.97 9.74 13.30
N ASP A 36 -11.03 10.01 14.20
CA ASP A 36 -10.90 11.34 14.73
C ASP A 36 -9.85 12.22 14.06
N ASP A 37 -9.29 11.79 12.93
CA ASP A 37 -8.28 12.59 12.25
C ASP A 37 -8.91 13.54 11.24
N VAL A 38 -8.42 14.78 11.30
CA VAL A 38 -8.75 15.91 10.44
C VAL A 38 -7.42 16.16 9.76
N VAL A 39 -7.47 15.96 8.43
CA VAL A 39 -6.33 15.89 7.56
C VAL A 39 -6.41 16.96 6.53
N VAL A 40 -5.28 17.61 6.31
CA VAL A 40 -5.06 18.46 5.16
C VAL A 40 -4.35 17.67 4.04
N ASP A 41 -4.84 17.74 2.82
CA ASP A 41 -4.21 17.09 1.74
C ASP A 41 -3.78 18.10 0.68
N VAL A 42 -2.49 18.36 0.69
CA VAL A 42 -1.96 19.40 -0.12
C VAL A 42 -1.52 18.91 -1.46
N GLY A 43 -1.55 19.79 -2.44
CA GLY A 43 -0.93 19.48 -3.70
C GLY A 43 -1.92 18.96 -4.66
N CYS A 44 -1.99 19.61 -5.83
CA CYS A 44 -3.14 19.58 -6.73
C CYS A 44 -3.14 18.40 -7.74
N GLY A 45 -3.99 17.41 -7.45
CA GLY A 45 -3.98 16.17 -8.15
C GLY A 45 -5.38 15.99 -8.64
N SER A 46 -5.70 14.74 -8.92
CA SER A 46 -6.99 14.39 -9.48
C SER A 46 -8.01 13.98 -8.42
N GLY A 47 -7.59 13.82 -7.18
CA GLY A 47 -8.53 13.37 -6.16
C GLY A 47 -8.37 11.97 -5.64
N GLY A 48 -7.37 11.25 -6.17
CA GLY A 48 -7.21 9.83 -5.79
C GLY A 48 -6.91 9.64 -4.33
N THR A 50 -7.19 12.06 -2.02
CA THR A 50 -8.27 12.76 -1.26
C THR A 50 -9.39 11.78 -0.80
N VAL A 51 -9.98 11.11 -1.76
CA VAL A 51 -10.99 10.09 -1.53
C VAL A 51 -10.48 9.04 -0.59
N GLU A 52 -9.34 8.45 -0.89
CA GLU A 52 -8.90 7.42 0.03
C GLU A 52 -8.73 7.97 1.44
N ILE A 53 -8.36 9.24 1.59
CA ILE A 53 -8.11 9.79 2.92
C ILE A 53 -9.51 10.08 3.52
N ALA A 54 -10.39 10.59 2.69
CA ALA A 54 -11.70 11.01 3.19
C ALA A 54 -12.33 9.76 3.81
N LYS A 55 -12.14 8.61 3.15
CA LYS A 55 -12.94 7.46 3.52
C LYS A 55 -12.54 6.96 4.88
N ARG A 56 -11.38 7.39 5.39
CA ARG A 56 -10.84 6.81 6.64
C ARG A 56 -10.75 7.75 7.81
N CYS A 57 -11.18 9.00 7.63
CA CYS A 57 -10.98 9.94 8.74
C CYS A 57 -12.21 10.86 9.01
N LYS A 58 -12.11 11.74 10.03
CA LYS A 58 -13.15 12.73 10.33
C LYS A 58 -13.42 13.78 9.26
N PHE A 59 -12.41 14.47 8.71
CA PHE A 59 -12.69 15.48 7.65
C PHE A 59 -11.38 15.75 6.90
N VAL A 60 -11.44 16.03 5.60
CA VAL A 60 -10.24 16.31 4.82
C VAL A 60 -10.39 17.63 4.14
N TYR A 61 -9.34 18.43 4.19
CA TYR A 61 -9.19 19.62 3.36
C TYR A 61 -8.34 19.31 2.12
N ALA A 62 -8.92 19.40 0.94
CA ALA A 62 -8.13 19.26 -0.23
C ALA A 62 -7.74 20.61 -0.76
N ILE A 63 -6.47 20.97 -0.51
CA ILE A 63 -5.91 22.20 -1.00
C ILE A 63 -5.22 21.96 -2.33
N ASP A 64 -5.73 22.60 -3.37
CA ASP A 64 -5.29 22.40 -4.73
C ASP A 64 -5.26 23.85 -5.24
N TYR A 65 -4.21 24.22 -5.97
CA TYR A 65 -4.09 25.58 -6.55
C TYR A 65 -4.35 25.69 -8.04
N LEU A 66 -4.80 24.65 -8.75
CA LEU A 66 -5.04 24.81 -10.17
C LEU A 66 -6.42 24.36 -10.53
N ASP A 67 -7.04 25.06 -11.48
CA ASP A 67 -8.46 24.85 -11.77
C ASP A 67 -8.75 23.45 -12.21
N GLY A 68 -7.93 22.93 -13.10
CA GLY A 68 -8.18 21.58 -13.64
C GLY A 68 -8.30 20.53 -12.56
N ALA A 69 -7.44 20.65 -11.55
CA ALA A 69 -7.30 19.67 -10.48
C ALA A 69 -8.55 19.73 -9.57
N ILE A 70 -8.92 20.98 -9.27
CA ILE A 70 -10.08 21.23 -8.45
C ILE A 70 -11.25 20.56 -9.12
N GLU A 71 -11.34 20.78 -10.42
CA GLU A 71 -12.49 20.25 -11.14
C GLU A 71 -12.54 18.71 -11.02
N VAL A 72 -11.42 18.08 -11.31
CA VAL A 72 -11.46 16.61 -11.32
C VAL A 72 -11.66 16.10 -9.94
N THR A 73 -10.94 16.70 -8.98
CA THR A 73 -11.13 16.20 -7.61
C THR A 73 -12.59 16.24 -7.22
N LYS A 74 -13.20 17.39 -7.51
CA LYS A 74 -14.64 17.62 -7.30
C LYS A 74 -15.44 16.47 -7.93
N GLN A 75 -15.16 16.14 -9.18
CA GLN A 75 -15.93 15.05 -9.81
C GLN A 75 -15.71 13.75 -9.07
N ASN A 76 -14.45 13.43 -8.81
CA ASN A 76 -14.20 12.23 -8.00
C ASN A 76 -14.92 12.27 -6.67
N LEU A 77 -14.87 13.40 -5.98
CA LEU A 77 -15.58 13.51 -4.71
C LEU A 77 -17.01 13.12 -4.93
N ALA A 78 -17.59 13.67 -6.04
CA ALA A 78 -19.04 13.37 -6.34
C ALA A 78 -19.19 11.86 -6.50
N LYS A 79 -18.27 11.34 -7.30
CA LYS A 79 -18.32 9.97 -7.74
C LYS A 79 -18.28 9.00 -6.58
N PHE A 80 -17.59 9.27 -5.48
CA PHE A 80 -17.65 8.30 -4.36
C PHE A 80 -18.49 8.76 -3.19
N ASN A 81 -19.36 9.75 -3.47
CA ASN A 81 -20.29 10.32 -2.51
C ASN A 81 -19.55 10.78 -1.28
N ILE A 82 -18.47 11.53 -1.45
CA ILE A 82 -17.77 12.01 -0.22
C ILE A 82 -18.33 13.33 0.32
N LYS A 83 -18.84 13.33 1.55
CA LYS A 83 -19.27 14.61 2.18
C LYS A 83 -18.40 15.00 3.36
N ASN A 84 -17.22 14.42 3.32
CA ASN A 84 -16.25 14.52 4.38
C ASN A 84 -15.15 15.57 4.01
N CYS A 85 -15.36 16.28 2.92
CA CYS A 85 -14.24 16.97 2.30
C CYS A 85 -14.49 18.38 1.73
N GLN A 86 -13.61 19.32 2.11
CA GLN A 86 -13.65 20.60 1.56
C GLN A 86 -12.44 20.90 0.68
N ILE A 87 -12.73 21.25 -0.57
CA ILE A 87 -11.74 21.65 -1.48
C ILE A 87 -11.49 23.16 -1.27
N ILE A 88 -10.23 23.51 -1.14
CA ILE A 88 -9.88 24.86 -0.90
C ILE A 88 -8.96 25.28 -1.98
N LYS A 89 -9.39 26.19 -2.81
CA LYS A 89 -8.59 26.66 -3.89
C LYS A 89 -7.55 27.60 -3.37
N GLY A 90 -6.29 27.36 -3.71
CA GLY A 90 -5.24 28.26 -3.26
C GLY A 90 -3.94 27.64 -2.83
N ARG A 91 -2.96 28.53 -2.65
CA ARG A 91 -1.69 28.23 -2.00
C ARG A 91 -1.93 27.68 -0.60
N ALA A 92 -1.40 26.48 -0.37
CA ALA A 92 -1.35 25.91 0.97
C ALA A 92 -0.75 26.86 1.98
N GLU A 93 0.33 27.52 1.63
CA GLU A 93 0.93 28.41 2.64
C GLU A 93 -0.01 29.59 3.11
N ASP A 94 -0.97 30.01 2.27
CA ASP A 94 -1.94 31.10 2.60
C ASP A 94 -3.08 30.56 3.43
N VAL A 95 -3.46 29.34 3.12
CA VAL A 95 -4.58 28.69 3.78
C VAL A 95 -4.21 28.07 5.09
N LEU A 96 -3.16 27.29 5.09
CA LEU A 96 -2.87 26.41 6.24
C LEU A 96 -3.07 27.02 7.65
N ASP A 97 -2.61 28.26 7.84
CA ASP A 97 -2.79 28.92 9.14
C ASP A 97 -4.22 28.91 9.61
N LYS A 98 -5.16 29.02 8.67
CA LYS A 98 -6.54 29.16 9.10
C LYS A 98 -7.25 27.86 9.55
N LEU A 99 -6.60 26.70 9.51
CA LEU A 99 -7.34 25.45 9.67
C LEU A 99 -6.95 24.74 10.92
N GLU A 100 -7.81 23.85 11.40
CA GLU A 100 -7.60 23.15 12.63
C GLU A 100 -7.63 21.67 12.21
N PHE A 101 -6.50 20.98 12.34
CA PHE A 101 -6.39 19.66 11.77
C PHE A 101 -5.23 19.10 12.49
N ASN A 102 -5.06 17.78 12.45
CA ASN A 102 -4.01 17.17 13.19
C ASN A 102 -3.03 16.33 12.30
N LYS A 103 -3.35 16.09 11.04
CA LYS A 103 -2.44 15.32 10.15
C LYS A 103 -2.33 15.98 8.81
N ALA A 104 -1.21 15.71 8.11
CA ALA A 104 -1.01 16.19 6.77
C ALA A 104 -0.37 15.16 5.82
N PHE A 105 -0.93 15.07 4.62
CA PHE A 105 -0.33 14.49 3.44
C PHE A 105 -0.03 15.62 2.47
N ILE A 106 1.17 15.61 1.97
CA ILE A 106 1.63 16.59 1.01
C ILE A 106 2.08 15.91 -0.26
N GLY A 107 1.45 16.20 -1.35
CA GLY A 107 1.92 15.73 -2.63
C GLY A 107 2.51 16.86 -3.42
N GLY A 108 2.50 16.75 -4.73
CA GLY A 108 2.81 17.89 -5.65
C GLY A 108 3.42 19.17 -5.07
N THR A 109 2.60 20.13 -4.63
CA THR A 109 3.06 21.41 -3.96
C THR A 109 4.30 22.37 -4.30
N LYS A 110 4.07 23.69 -4.20
CA LYS A 110 5.16 24.71 -4.18
C LYS A 110 5.46 25.23 -2.76
N ASN A 111 6.70 25.64 -2.54
CA ASN A 111 7.10 26.13 -1.23
C ASN A 111 6.94 25.06 -0.16
N ILE A 112 7.67 23.96 -0.32
CA ILE A 112 7.56 22.86 0.58
C ILE A 112 8.18 23.39 1.86
N GLU A 113 9.14 24.30 1.71
CA GLU A 113 9.89 24.79 2.86
C GLU A 113 8.94 25.62 3.70
N LYS A 114 8.21 26.52 3.04
CA LYS A 114 7.15 27.23 3.75
C LYS A 114 6.10 26.29 4.42
N ILE A 115 5.61 25.29 3.67
CA ILE A 115 4.53 24.44 4.20
C ILE A 115 5.05 23.71 5.42
N ILE A 116 6.26 23.15 5.32
CA ILE A 116 6.76 22.33 6.42
C ILE A 116 6.91 23.18 7.72
N GLU A 117 7.45 24.37 7.53
CA GLU A 117 7.59 25.28 8.65
C GLU A 117 6.24 25.62 9.33
N ILE A 118 5.21 25.97 8.52
CA ILE A 118 3.83 26.19 9.00
C ILE A 118 3.29 24.89 9.65
N LEU A 119 3.36 23.77 8.95
CA LEU A 119 2.95 22.55 9.59
C LEU A 119 3.54 22.40 11.01
N ASP A 120 4.86 22.58 11.10
CA ASP A 120 5.61 22.38 12.35
C ASP A 120 5.14 23.30 13.48
N LYS A 121 5.18 24.58 13.21
CA LYS A 121 4.63 25.58 14.12
C LYS A 121 3.12 25.43 14.38
N LYS A 122 2.34 24.81 13.47
CA LYS A 122 0.91 24.50 13.84
C LYS A 122 0.80 23.25 14.70
N LYS A 123 1.96 22.73 15.11
CA LYS A 123 1.97 21.52 15.95
C LYS A 123 1.34 20.28 15.27
N ILE A 124 1.46 20.23 13.95
CA ILE A 124 1.10 19.01 13.19
C ILE A 124 2.13 17.88 13.38
N ASN A 125 1.76 16.86 14.12
CA ASN A 125 2.78 15.95 14.61
C ASN A 125 2.90 14.64 13.89
N HIS A 126 2.11 14.51 12.83
CA HIS A 126 2.14 13.36 11.92
C HIS A 126 1.99 13.85 10.47
N ILE A 127 2.99 13.67 9.64
CA ILE A 127 2.98 14.16 8.27
C ILE A 127 3.50 13.07 7.35
N VAL A 128 2.92 13.00 6.16
CA VAL A 128 3.40 12.07 5.14
C VAL A 128 3.58 12.94 3.94
N ALA A 129 4.77 12.86 3.33
CA ALA A 129 5.05 13.59 2.11
C ALA A 129 5.56 12.64 1.03
N ASN A 130 5.03 12.79 -0.17
CA ASN A 130 5.55 12.07 -1.38
C ASN A 130 6.31 13.03 -2.27
N THR A 131 7.49 12.66 -2.74
CA THR A 131 8.14 13.45 -3.71
C THR A 131 8.90 12.62 -4.75
N ILE A 132 8.87 13.08 -6.01
CA ILE A 132 9.66 12.46 -7.06
C ILE A 132 10.94 13.26 -7.27
N VAL A 133 11.21 14.21 -6.41
CA VAL A 133 12.32 15.14 -6.67
C VAL A 133 13.42 15.02 -5.64
N LEU A 134 14.62 14.90 -6.14
CA LEU A 134 15.75 14.59 -5.32
C LEU A 134 15.91 15.67 -4.22
N GLU A 135 15.89 16.97 -4.65
CA GLU A 135 16.15 18.09 -3.75
C GLU A 135 15.15 18.15 -2.65
N ASN A 136 13.90 17.80 -2.98
CA ASN A 136 12.80 17.81 -1.98
C ASN A 136 12.88 16.71 -1.00
N ALA A 137 13.15 15.50 -1.51
CA ALA A 137 13.41 14.39 -0.68
C ALA A 137 14.50 14.83 0.33
N ALA A 138 15.62 15.36 -0.15
CA ALA A 138 16.69 15.86 0.75
C ALA A 138 16.18 16.93 1.77
N LYS A 139 15.41 17.94 1.32
CA LYS A 139 14.84 18.96 2.20
C LYS A 139 13.94 18.41 3.28
N ILE A 140 12.96 17.66 2.83
CA ILE A 140 11.89 17.20 3.70
C ILE A 140 12.44 16.37 4.83
N ILE A 141 13.36 15.47 4.51
CA ILE A 141 13.85 14.50 5.50
C ILE A 141 14.63 15.30 6.54
N ASN A 142 15.50 16.21 6.07
CA ASN A 142 16.32 17.01 6.98
C ASN A 142 15.50 18.08 7.73
N GLU A 143 14.64 18.81 7.03
CA GLU A 143 13.67 19.69 7.67
C GLU A 143 12.92 18.93 8.81
N PHE A 144 12.28 17.81 8.50
CA PHE A 144 11.55 17.14 9.57
C PHE A 144 12.45 16.64 10.74
N GLU A 145 13.64 16.08 10.44
CA GLU A 145 14.47 15.54 11.49
C GLU A 145 14.93 16.75 12.40
N SER A 146 15.25 17.89 11.83
CA SER A 146 15.62 19.08 12.58
C SER A 146 14.53 19.61 13.42
N ARG A 147 13.30 19.37 13.00
CA ARG A 147 12.14 19.90 13.72
C ARG A 147 11.59 18.79 14.58
N GLY A 148 12.43 17.80 14.94
CA GLY A 148 12.16 17.03 16.12
C GLY A 148 11.27 15.86 15.82
N TYR A 149 11.12 15.51 14.51
CA TYR A 149 10.31 14.38 14.12
C TYR A 149 11.15 13.15 14.01
N ASN A 150 10.59 12.04 14.32
CA ASN A 150 11.30 10.91 13.85
C ASN A 150 10.85 10.46 12.43
N VAL A 151 11.82 10.46 11.55
CA VAL A 151 11.52 10.28 10.15
C VAL A 151 11.77 8.87 9.55
N ASP A 152 10.82 8.42 8.80
CA ASP A 152 10.96 7.13 8.18
C ASP A 152 10.68 7.35 6.66
N ALA A 153 11.72 7.25 5.79
CA ALA A 153 11.59 7.40 4.33
C ALA A 153 11.96 6.16 3.54
N VAL A 154 11.18 5.88 2.52
CA VAL A 154 11.44 4.80 1.63
C VAL A 154 11.37 5.26 0.24
N ASN A 155 12.22 4.78 -0.60
CA ASN A 155 12.17 5.15 -2.03
C ASN A 155 11.45 3.96 -2.61
N VAL A 156 10.44 4.18 -3.42
CA VAL A 156 9.66 3.09 -4.02
C VAL A 156 9.73 3.17 -5.56
N PHE A 157 10.17 2.10 -6.19
CA PHE A 157 10.34 2.13 -7.64
C PHE A 157 9.48 0.99 -8.10
N ILE A 158 8.31 1.31 -8.63
CA ILE A 158 7.40 0.32 -9.22
C ILE A 158 7.52 0.22 -10.79
N SER A 159 7.55 -0.97 -11.38
CA SER A 159 7.57 -1.13 -12.80
C SER A 159 6.42 -2.13 -13.06
N TYR A 160 5.73 -1.98 -14.21
CA TYR A 160 4.46 -2.66 -14.57
C TYR A 160 4.64 -3.57 -15.75
N ALA A 161 4.21 -4.80 -15.58
CA ALA A 161 4.37 -5.82 -16.58
C ALA A 161 3.55 -5.38 -17.80
N LYS A 162 4.18 -5.48 -18.97
CA LYS A 162 3.55 -5.22 -20.24
C LYS A 162 3.99 -6.29 -21.17
N LYS A 163 3.04 -6.95 -21.82
CA LYS A 163 3.34 -7.93 -22.86
C LYS A 163 3.81 -7.33 -24.15
N ILE A 164 4.94 -7.83 -24.62
CA ILE A 164 5.49 -7.42 -25.91
C ILE A 164 5.81 -8.73 -26.61
N PRO A 165 6.12 -8.72 -27.93
CA PRO A 165 6.21 -10.02 -28.62
C PRO A 165 6.97 -11.09 -27.88
N SER A 166 8.07 -10.75 -27.21
CA SER A 166 8.91 -11.80 -26.56
C SER A 166 8.42 -12.29 -25.20
N GLY A 167 7.52 -11.49 -24.57
CA GLY A 167 7.08 -11.85 -23.18
C GLY A 167 6.83 -10.58 -22.42
N HIS A 168 6.91 -10.63 -21.11
CA HIS A 168 6.57 -9.43 -20.31
C HIS A 168 7.79 -8.66 -19.94
N PHE A 170 9.04 -4.94 -18.03
CA PHE A 170 8.53 -4.10 -16.99
C PHE A 170 8.73 -2.64 -17.32
N LEU A 171 7.63 -1.92 -17.40
CA LEU A 171 7.60 -0.50 -17.72
C LEU A 171 7.64 0.33 -16.43
N ALA A 172 8.70 1.06 -16.24
CA ALA A 172 8.82 1.91 -15.07
C ALA A 172 8.64 3.37 -15.48
N LYS A 173 8.15 4.19 -14.60
CA LYS A 173 8.41 5.60 -14.77
C LYS A 173 8.86 5.99 -13.37
N ASN A 174 9.79 6.91 -13.27
CA ASN A 174 10.09 7.44 -11.94
C ASN A 174 9.81 6.76 -10.57
N PRO A 175 10.85 6.61 -9.82
CA PRO A 175 10.77 6.23 -8.42
C PRO A 175 10.20 7.43 -7.61
N ILE A 176 9.55 7.12 -6.50
CA ILE A 176 9.02 8.14 -5.63
C ILE A 176 9.46 7.92 -4.16
N THR A 177 9.72 9.01 -3.42
CA THR A 177 10.09 8.91 -2.02
C THR A 177 8.87 9.29 -1.20
N ILE A 178 8.56 8.38 -0.28
CA ILE A 178 7.47 8.48 0.61
C ILE A 178 8.08 8.66 2.00
N ILE A 179 7.75 9.78 2.63
CA ILE A 179 8.34 10.18 3.89
C ILE A 179 7.27 10.38 5.01
N LYS A 180 7.51 9.72 6.14
CA LYS A 180 6.68 9.72 7.28
C LYS A 180 7.43 10.37 8.47
N ALA A 181 6.91 11.48 8.99
CA ALA A 181 7.50 12.21 10.06
C ALA A 181 6.49 12.19 11.18
N VAL A 182 6.79 11.50 12.29
CA VAL A 182 5.94 11.55 13.47
C VAL A 182 6.73 12.09 14.65
N ARG A 183 6.03 12.75 15.53
CA ARG A 183 6.67 13.44 16.66
C ARG A 183 5.67 13.41 17.83
N ILE B 5 -2.47 0.09 8.15
CA ILE B 5 -1.52 -1.03 8.10
C ILE B 5 -0.59 -0.80 9.32
N PRO B 6 -0.61 -1.69 10.36
CA PRO B 6 0.37 -1.64 11.50
C PRO B 6 1.89 -1.47 11.19
N ASP B 7 2.53 -0.58 11.97
CA ASP B 7 4.02 -0.30 12.00
C ASP B 7 4.84 -1.63 12.14
N GLU B 8 5.38 -1.86 13.35
CA GLU B 8 6.48 -2.81 13.56
C GLU B 8 6.40 -3.31 14.98
N GLU B 9 5.17 -3.18 15.46
CA GLU B 9 4.75 -3.79 16.66
C GLU B 9 4.43 -5.30 16.46
N PHE B 10 5.05 -5.92 15.45
CA PHE B 10 4.88 -7.36 15.17
C PHE B 10 5.84 -8.24 15.98
N ILE B 11 5.34 -9.40 16.42
CA ILE B 11 6.27 -10.26 17.14
C ILE B 11 7.14 -10.84 16.02
N ARG B 12 8.46 -10.73 16.16
CA ARG B 12 9.38 -11.35 15.17
C ARG B 12 10.16 -12.46 15.87
N ARG B 13 10.53 -13.49 15.10
CA ARG B 13 11.45 -14.55 15.52
C ARG B 13 12.40 -14.84 14.35
N GLU B 14 13.70 -14.64 14.57
CA GLU B 14 14.61 -14.64 13.42
C GLU B 14 14.76 -16.04 12.79
N GLY B 15 15.12 -16.08 11.49
CA GLY B 15 14.80 -17.23 10.63
C GLY B 15 13.40 -17.17 9.98
N VAL B 16 12.52 -16.29 10.48
CA VAL B 16 11.14 -16.21 9.96
C VAL B 16 10.97 -14.80 9.35
N PRO B 17 10.84 -14.72 8.00
CA PRO B 17 10.74 -13.41 7.30
C PRO B 17 9.44 -12.74 7.64
N ILE B 18 9.40 -11.41 7.54
CA ILE B 18 8.15 -10.63 7.71
C ILE B 18 7.97 -9.74 6.44
N THR B 19 6.80 -9.72 5.86
CA THR B 19 6.68 -8.97 4.65
C THR B 19 6.74 -7.50 5.03
N LYS B 20 7.57 -6.70 4.35
CA LYS B 20 7.64 -5.26 4.67
C LYS B 20 6.28 -4.60 4.57
N GLU B 21 5.95 -3.81 5.61
CA GLU B 21 4.91 -2.85 5.61
C GLU B 21 4.44 -2.30 4.25
N GLU B 22 5.35 -1.85 3.39
CA GLU B 22 4.94 -1.25 2.13
C GLU B 22 4.57 -2.27 1.08
N ILE B 23 5.14 -3.44 1.22
CA ILE B 23 4.83 -4.54 0.31
C ILE B 23 3.42 -5.08 0.72
N ARG B 24 3.14 -5.14 2.03
CA ARG B 24 1.82 -5.59 2.52
C ARG B 24 0.68 -4.63 2.08
N ALA B 25 0.98 -3.34 2.22
CA ALA B 25 0.03 -2.33 1.79
C ALA B 25 -0.32 -2.52 0.29
N VAL B 26 0.71 -2.70 -0.57
CA VAL B 26 0.40 -2.97 -1.97
C VAL B 26 -0.40 -4.31 -2.18
N SER B 27 0.05 -5.41 -1.59
CA SER B 27 -0.66 -6.67 -1.73
C SER B 27 -2.07 -6.61 -1.13
N ILE B 28 -2.25 -5.95 0.02
CA ILE B 28 -3.57 -5.84 0.60
C ILE B 28 -4.46 -5.11 -0.38
N GLY B 29 -3.93 -4.05 -0.99
CA GLY B 29 -4.67 -3.30 -2.04
C GLY B 29 -5.08 -4.14 -3.23
N LYS B 30 -4.16 -4.92 -3.78
CA LYS B 30 -4.50 -5.73 -4.93
C LYS B 30 -5.57 -6.86 -4.59
N LEU B 31 -5.72 -7.21 -3.31
CA LEU B 31 -6.68 -8.25 -2.92
C LEU B 31 -8.18 -7.77 -2.94
N ASN B 32 -8.37 -6.44 -2.86
CA ASN B 32 -9.68 -5.84 -2.97
C ASN B 32 -10.62 -6.51 -1.98
N LEU B 33 -10.25 -6.53 -0.72
CA LEU B 33 -11.05 -7.17 0.29
C LEU B 33 -12.46 -6.54 0.62
N ASN B 34 -13.47 -7.43 0.74
CA ASN B 34 -14.84 -7.16 1.25
C ASN B 34 -15.06 -7.87 2.59
N LYS B 35 -16.07 -7.41 3.33
CA LYS B 35 -16.43 -8.07 4.55
C LYS B 35 -16.99 -9.45 4.21
N ASP B 36 -17.39 -9.72 2.96
CA ASP B 36 -17.89 -11.09 2.63
C ASP B 36 -16.80 -12.07 2.18
N ASP B 37 -15.61 -11.56 1.89
CA ASP B 37 -14.48 -12.45 1.41
C ASP B 37 -14.05 -13.56 2.38
N VAL B 38 -13.93 -14.75 1.83
CA VAL B 38 -13.26 -15.84 2.47
C VAL B 38 -11.96 -16.15 1.77
N VAL B 39 -10.89 -15.84 2.49
CA VAL B 39 -9.53 -15.89 1.95
C VAL B 39 -8.63 -17.02 2.47
N VAL B 40 -7.97 -17.73 1.56
CA VAL B 40 -6.79 -18.52 1.92
C VAL B 40 -5.47 -17.72 1.80
N ASP B 41 -4.61 -17.87 2.83
CA ASP B 41 -3.31 -17.19 2.93
C ASP B 41 -2.13 -18.19 3.03
N VAL B 42 -1.53 -18.47 1.91
CA VAL B 42 -0.62 -19.53 1.81
C VAL B 42 0.80 -19.01 1.91
N GLY B 43 1.57 -19.42 2.92
CA GLY B 43 2.85 -18.78 3.10
C GLY B 43 3.22 -18.80 4.54
N CYS B 44 4.42 -19.32 4.80
CA CYS B 44 5.07 -19.39 6.10
C CYS B 44 5.82 -18.08 6.53
N GLY B 45 5.08 -17.06 6.94
CA GLY B 45 5.77 -15.89 7.47
C GLY B 45 5.34 -15.63 8.89
N SER B 46 5.40 -14.35 9.30
CA SER B 46 5.22 -13.92 10.74
C SER B 46 3.80 -13.46 11.05
N GLY B 47 2.96 -13.47 10.04
CA GLY B 47 1.53 -13.19 10.24
C GLY B 47 1.13 -11.77 9.84
N GLY B 48 2.04 -11.03 9.17
CA GLY B 48 1.82 -9.58 8.89
C GLY B 48 0.60 -9.47 8.02
N THR B 50 -1.47 -12.05 7.01
CA THR B 50 -2.61 -12.68 7.70
C THR B 50 -3.44 -11.73 8.51
N VAL B 51 -2.77 -11.00 9.37
CA VAL B 51 -3.49 -10.08 10.23
C VAL B 51 -4.23 -9.06 9.42
N GLU B 52 -3.49 -8.53 8.44
CA GLU B 52 -4.00 -7.44 7.63
C GLU B 52 -5.17 -7.93 6.81
N ILE B 53 -5.11 -9.22 6.39
CA ILE B 53 -6.23 -9.76 5.59
C ILE B 53 -7.46 -9.96 6.52
N ALA B 54 -7.20 -10.56 7.71
CA ALA B 54 -8.24 -10.77 8.73
C ALA B 54 -9.06 -9.49 9.08
N LYS B 55 -8.36 -8.39 9.38
CA LYS B 55 -9.04 -7.13 9.69
C LYS B 55 -10.07 -6.73 8.62
N ARG B 56 -10.04 -7.40 7.47
CA ARG B 56 -10.69 -6.86 6.30
C ARG B 56 -11.71 -7.76 5.75
N CYS B 57 -11.70 -9.03 6.13
CA CYS B 57 -12.63 -9.91 5.48
C CYS B 57 -13.34 -10.77 6.51
N LYS B 58 -14.25 -11.61 6.02
CA LYS B 58 -15.08 -12.35 6.89
C LYS B 58 -14.21 -13.41 7.58
N PHE B 59 -13.41 -14.13 6.80
CA PHE B 59 -12.57 -15.17 7.39
C PHE B 59 -11.36 -15.51 6.54
N VAL B 60 -10.28 -15.95 7.22
CA VAL B 60 -9.00 -16.20 6.60
C VAL B 60 -8.40 -17.52 7.11
N TYR B 61 -7.87 -18.35 6.22
CA TYR B 61 -7.17 -19.60 6.54
C TYR B 61 -5.69 -19.45 6.16
N ALA B 62 -4.82 -19.50 7.15
CA ALA B 62 -3.39 -19.42 7.00
C ALA B 62 -2.87 -20.79 6.77
N ILE B 63 -2.25 -21.02 5.64
CA ILE B 63 -1.72 -22.34 5.38
C ILE B 63 -0.22 -22.21 5.36
N ASP B 64 0.38 -23.01 6.22
CA ASP B 64 1.75 -22.89 6.62
C ASP B 64 2.15 -24.27 7.04
N TYR B 65 3.38 -24.65 6.67
CA TYR B 65 4.03 -25.94 7.00
C TYR B 65 5.06 -25.76 8.11
N LEU B 66 5.55 -24.53 8.30
CA LEU B 66 6.70 -24.22 9.14
C LEU B 66 6.34 -23.83 10.58
N ASP B 67 6.79 -24.62 11.57
CA ASP B 67 6.42 -24.36 12.99
C ASP B 67 6.74 -22.95 13.50
N GLY B 68 7.94 -22.49 13.18
CA GLY B 68 8.34 -21.11 13.54
C GLY B 68 7.31 -20.09 13.13
N ALA B 69 6.97 -20.16 11.84
CA ALA B 69 6.02 -19.32 11.15
C ALA B 69 4.65 -19.35 11.84
N ILE B 70 4.12 -20.57 12.01
CA ILE B 70 2.85 -20.76 12.72
C ILE B 70 2.83 -20.05 14.08
N GLU B 71 3.85 -20.35 14.89
CA GLU B 71 3.84 -19.78 16.25
C GLU B 71 3.89 -18.29 16.21
N VAL B 72 4.84 -17.72 15.45
CA VAL B 72 4.88 -16.23 15.38
C VAL B 72 3.50 -15.77 14.96
N THR B 73 2.97 -16.43 13.93
CA THR B 73 1.71 -15.97 13.40
C THR B 73 0.63 -15.99 14.47
N LYS B 74 0.54 -17.13 15.16
CA LYS B 74 -0.36 -17.22 16.34
C LYS B 74 -0.16 -16.04 17.29
N GLN B 75 1.09 -15.74 17.62
CA GLN B 75 1.36 -14.61 18.55
C GLN B 75 0.81 -13.26 18.04
N ASN B 76 1.08 -12.93 16.79
CA ASN B 76 0.57 -11.70 16.22
C ASN B 76 -0.92 -11.65 16.19
N LEU B 77 -1.52 -12.77 15.80
CA LEU B 77 -2.95 -12.86 15.83
C LEU B 77 -3.48 -12.58 17.24
N ALA B 78 -2.71 -13.06 18.24
CA ALA B 78 -3.09 -12.89 19.66
C ALA B 78 -2.89 -11.40 19.94
N LYS B 79 -1.68 -10.91 19.68
CA LYS B 79 -1.36 -9.50 19.90
C LYS B 79 -2.43 -8.51 19.35
N PHE B 80 -2.94 -8.77 18.14
CA PHE B 80 -3.90 -7.84 17.52
C PHE B 80 -5.33 -8.34 17.65
N ASN B 81 -5.52 -9.24 18.60
CA ASN B 81 -6.86 -9.71 18.90
C ASN B 81 -7.63 -10.24 17.73
N ILE B 82 -6.96 -10.91 16.79
CA ILE B 82 -7.66 -11.32 15.56
C ILE B 82 -8.41 -12.62 15.82
N LYS B 83 -9.73 -12.65 15.69
CA LYS B 83 -10.42 -13.93 15.88
C LYS B 83 -11.01 -14.68 14.64
N ASN B 84 -11.13 -14.01 13.48
CA ASN B 84 -11.67 -14.65 12.32
C ASN B 84 -10.59 -15.28 11.43
N CYS B 85 -9.73 -16.11 12.00
CA CYS B 85 -8.60 -16.68 11.23
C CYS B 85 -8.30 -18.03 11.81
N GLN B 86 -8.07 -19.02 10.98
CA GLN B 86 -7.79 -20.33 11.47
C GLN B 86 -6.51 -20.72 10.84
N ILE B 87 -5.63 -21.31 11.61
CA ILE B 87 -4.39 -21.77 11.08
C ILE B 87 -4.41 -23.24 10.78
N ILE B 88 -3.99 -23.61 9.58
CA ILE B 88 -4.03 -25.00 9.19
C ILE B 88 -2.60 -25.42 8.83
N LYS B 89 -2.04 -26.30 9.63
CA LYS B 89 -0.65 -26.60 9.42
C LYS B 89 -0.61 -27.66 8.39
N GLY B 90 0.03 -27.33 7.30
CA GLY B 90 0.26 -28.27 6.22
C GLY B 90 0.79 -27.57 4.94
N ARG B 91 1.17 -28.40 3.97
CA ARG B 91 1.60 -27.91 2.62
C ARG B 91 0.36 -27.62 1.82
N ALA B 92 0.28 -26.37 1.42
CA ALA B 92 -0.79 -25.90 0.55
C ALA B 92 -1.15 -26.90 -0.56
N GLU B 93 -0.15 -27.49 -1.18
CA GLU B 93 -0.45 -28.40 -2.23
C GLU B 93 -1.30 -29.57 -1.70
N ASP B 94 -0.99 -30.02 -0.47
CA ASP B 94 -1.77 -31.08 0.19
C ASP B 94 -3.26 -30.70 0.61
N VAL B 95 -3.50 -29.43 0.89
CA VAL B 95 -4.70 -29.00 1.64
C VAL B 95 -5.70 -28.08 0.90
N LEU B 96 -5.14 -27.28 -0.02
CA LEU B 96 -5.84 -26.12 -0.54
C LEU B 96 -7.06 -26.64 -1.26
N ASP B 97 -6.90 -27.82 -1.85
CA ASP B 97 -7.95 -28.37 -2.68
C ASP B 97 -9.17 -28.73 -1.81
N LYS B 98 -8.97 -29.04 -0.53
CA LYS B 98 -10.09 -29.20 0.48
C LYS B 98 -10.81 -27.94 0.87
N LEU B 99 -10.11 -26.78 0.81
CA LEU B 99 -10.70 -25.61 1.41
C LEU B 99 -11.72 -24.92 0.51
N GLU B 100 -12.62 -24.19 1.16
CA GLU B 100 -13.65 -23.38 0.56
C GLU B 100 -13.23 -21.99 0.86
N PHE B 101 -13.30 -21.11 -0.11
CA PHE B 101 -12.85 -19.71 0.06
C PHE B 101 -13.10 -19.11 -1.29
N ASN B 102 -13.19 -17.82 -1.42
CA ASN B 102 -13.34 -17.35 -2.80
C ASN B 102 -12.17 -16.48 -3.27
N LYS B 103 -11.18 -16.34 -2.40
CA LYS B 103 -10.06 -15.50 -2.70
C LYS B 103 -8.73 -16.08 -2.12
N ALA B 104 -7.67 -16.12 -2.95
CA ALA B 104 -6.33 -16.55 -2.49
C ALA B 104 -5.26 -15.45 -2.49
N PHE B 105 -4.46 -15.45 -1.44
CA PHE B 105 -3.18 -14.79 -1.39
C PHE B 105 -2.08 -15.84 -1.30
N ILE B 106 -1.08 -15.84 -2.21
CA ILE B 106 -0.03 -16.84 -2.19
C ILE B 106 1.31 -16.15 -1.91
N GLY B 107 1.98 -16.62 -0.89
CA GLY B 107 3.33 -16.15 -0.40
C GLY B 107 4.24 -17.24 -0.85
N GLY B 108 5.31 -17.48 -0.15
CA GLY B 108 6.18 -18.59 -0.66
C GLY B 108 5.40 -19.92 -0.79
N THR B 109 5.78 -20.75 -1.76
CA THR B 109 5.27 -22.12 -1.82
C THR B 109 6.04 -22.84 -2.85
N LYS B 110 6.33 -24.08 -2.53
CA LYS B 110 6.94 -25.01 -3.46
C LYS B 110 5.76 -25.39 -4.31
N ASN B 111 6.01 -25.90 -5.49
CA ASN B 111 4.92 -26.34 -6.38
C ASN B 111 3.80 -25.40 -6.68
N ILE B 112 4.20 -24.27 -7.25
CA ILE B 112 3.32 -23.22 -7.64
C ILE B 112 2.43 -23.62 -8.82
N GLU B 113 2.89 -24.47 -9.71
CA GLU B 113 1.96 -25.03 -10.75
C GLU B 113 0.76 -25.77 -10.13
N LYS B 114 1.03 -26.74 -9.28
CA LYS B 114 -0.05 -27.46 -8.68
C LYS B 114 -1.04 -26.51 -8.03
N ILE B 115 -0.50 -25.58 -7.25
CA ILE B 115 -1.32 -24.58 -6.58
C ILE B 115 -2.21 -23.85 -7.60
N ILE B 116 -1.60 -23.43 -8.71
CA ILE B 116 -2.34 -22.66 -9.66
C ILE B 116 -3.46 -23.54 -10.25
N GLU B 117 -3.14 -24.78 -10.55
CA GLU B 117 -4.12 -25.77 -11.10
C GLU B 117 -5.39 -25.85 -10.22
N ILE B 118 -5.13 -26.10 -8.92
CA ILE B 118 -6.13 -26.05 -7.88
C ILE B 118 -6.90 -24.80 -7.86
N LEU B 119 -6.26 -23.63 -7.85
CA LEU B 119 -7.15 -22.47 -7.77
C LEU B 119 -8.02 -22.43 -9.01
N ASP B 120 -7.40 -22.84 -10.11
CA ASP B 120 -8.07 -22.74 -11.38
C ASP B 120 -9.41 -23.54 -11.33
N LYS B 121 -9.28 -24.84 -11.08
CA LYS B 121 -10.36 -25.85 -10.96
C LYS B 121 -11.44 -25.41 -10.02
N LYS B 122 -11.02 -24.86 -8.90
CA LYS B 122 -11.96 -24.37 -7.97
C LYS B 122 -12.59 -23.14 -8.42
N LYS B 123 -12.24 -22.66 -9.61
CA LYS B 123 -12.88 -21.41 -10.10
C LYS B 123 -12.73 -20.24 -9.13
N ILE B 124 -11.58 -20.12 -8.44
CA ILE B 124 -11.25 -18.91 -7.67
C ILE B 124 -10.97 -17.79 -8.64
N ASN B 125 -11.77 -16.75 -8.58
CA ASN B 125 -11.85 -15.69 -9.55
C ASN B 125 -10.88 -14.55 -9.17
N HIS B 126 -10.14 -14.72 -8.07
CA HIS B 126 -9.27 -13.61 -7.51
C HIS B 126 -8.09 -14.01 -6.66
N ILE B 127 -6.90 -13.92 -7.21
CA ILE B 127 -5.67 -14.41 -6.62
C ILE B 127 -4.56 -13.30 -6.65
N VAL B 128 -3.83 -13.14 -5.58
CA VAL B 128 -2.70 -12.30 -5.55
C VAL B 128 -1.58 -13.16 -5.03
N ALA B 129 -0.44 -13.05 -5.68
CA ALA B 129 0.69 -13.87 -5.35
C ALA B 129 1.95 -12.99 -5.28
N ASN B 130 2.75 -13.13 -4.23
CA ASN B 130 4.02 -12.43 -4.12
C ASN B 130 5.10 -13.45 -4.34
N THR B 131 6.09 -13.06 -5.13
CA THR B 131 7.29 -13.86 -5.32
C THR B 131 8.59 -13.07 -5.56
N ILE B 132 9.65 -13.59 -5.02
CA ILE B 132 10.97 -13.05 -5.29
C ILE B 132 11.82 -13.96 -6.20
N VAL B 133 11.19 -15.03 -6.65
CA VAL B 133 11.85 -16.02 -7.55
C VAL B 133 11.43 -15.73 -8.98
N LEU B 134 12.45 -15.46 -9.76
CA LEU B 134 12.41 -15.28 -11.20
C LEU B 134 11.46 -16.26 -11.86
N GLU B 135 11.76 -17.57 -11.77
CA GLU B 135 10.98 -18.61 -12.41
C GLU B 135 9.57 -18.66 -12.00
N ASN B 136 9.29 -18.39 -10.71
CA ASN B 136 7.93 -18.40 -10.26
C ASN B 136 7.12 -17.24 -10.79
N ALA B 137 7.72 -16.04 -10.87
CA ALA B 137 6.97 -14.93 -11.41
C ALA B 137 6.58 -15.36 -12.87
N ALA B 138 7.45 -16.08 -13.56
CA ALA B 138 7.17 -16.37 -14.99
C ALA B 138 6.01 -17.31 -15.09
N LYS B 139 5.96 -18.29 -14.18
CA LYS B 139 4.94 -19.33 -14.26
C LYS B 139 3.61 -18.83 -13.81
N ILE B 140 3.60 -18.13 -12.68
CA ILE B 140 2.37 -17.53 -12.22
C ILE B 140 1.63 -16.70 -13.29
N ILE B 141 2.26 -15.63 -13.83
CA ILE B 141 1.71 -14.79 -14.90
C ILE B 141 1.26 -15.67 -16.13
N ASN B 142 2.16 -16.50 -16.67
CA ASN B 142 1.82 -17.22 -17.88
C ASN B 142 0.82 -18.30 -17.61
N GLU B 143 0.90 -18.99 -16.49
CA GLU B 143 -0.10 -19.99 -16.18
C GLU B 143 -1.48 -19.41 -16.08
N PHE B 144 -1.59 -18.32 -15.35
CA PHE B 144 -2.87 -17.70 -15.20
C PHE B 144 -3.39 -17.13 -16.56
N GLU B 145 -2.59 -16.34 -17.29
CA GLU B 145 -3.02 -15.64 -18.57
C GLU B 145 -3.54 -16.88 -19.46
N SER B 146 -2.85 -18.02 -19.40
CA SER B 146 -3.24 -19.16 -20.14
C SER B 146 -4.63 -19.69 -19.80
N ARG B 147 -5.07 -19.49 -18.54
CA ARG B 147 -6.31 -20.03 -18.08
C ARG B 147 -7.44 -19.05 -18.11
N GLY B 148 -7.26 -17.94 -18.76
CA GLY B 148 -8.36 -17.02 -18.90
C GLY B 148 -8.35 -15.94 -17.87
N TYR B 149 -7.33 -15.92 -17.01
CA TYR B 149 -7.30 -14.85 -16.03
C TYR B 149 -6.66 -13.67 -16.75
N ASN B 150 -7.05 -12.47 -16.45
CA ASN B 150 -6.22 -11.44 -16.81
C ASN B 150 -5.40 -11.00 -15.60
N VAL B 151 -4.16 -10.65 -15.91
CA VAL B 151 -3.09 -10.59 -14.94
C VAL B 151 -2.49 -9.24 -14.97
N ASP B 152 -2.45 -8.59 -13.83
CA ASP B 152 -1.76 -7.35 -13.55
C ASP B 152 -0.64 -7.73 -12.57
N ALA B 153 0.59 -7.65 -13.07
CA ALA B 153 1.78 -7.86 -12.31
C ALA B 153 2.60 -6.54 -12.16
N VAL B 154 3.15 -6.32 -10.98
CA VAL B 154 4.06 -5.23 -10.77
C VAL B 154 5.30 -5.72 -10.08
N ASN B 155 6.41 -5.10 -10.34
CA ASN B 155 7.64 -5.36 -9.58
C ASN B 155 7.92 -4.13 -8.74
N VAL B 156 8.20 -4.36 -7.47
CA VAL B 156 8.43 -3.25 -6.50
C VAL B 156 9.86 -3.33 -5.92
N PHE B 157 10.58 -2.28 -6.11
CA PHE B 157 11.88 -2.16 -5.54
C PHE B 157 11.79 -1.12 -4.41
N ILE B 158 12.08 -1.55 -3.21
CA ILE B 158 12.04 -0.68 -2.06
C ILE B 158 13.40 -0.47 -1.41
N SER B 159 13.71 0.79 -1.12
CA SER B 159 14.85 1.09 -0.31
C SER B 159 14.48 2.08 0.78
N TYR B 160 15.19 2.00 1.91
CA TYR B 160 14.96 2.70 3.17
C TYR B 160 16.10 3.68 3.48
N ALA B 161 15.80 4.92 3.71
CA ALA B 161 16.83 5.93 4.10
C ALA B 161 17.41 5.52 5.40
N LYS B 162 18.73 5.58 5.51
CA LYS B 162 19.37 5.30 6.75
C LYS B 162 20.22 6.48 7.09
N LYS B 163 20.06 7.08 8.26
CA LYS B 163 20.91 8.23 8.66
C LYS B 163 22.38 7.84 8.90
N ILE B 164 23.27 8.69 8.45
CA ILE B 164 24.72 8.46 8.61
C ILE B 164 25.31 9.84 8.78
N PRO B 165 26.54 9.90 9.32
CA PRO B 165 27.24 11.14 9.53
C PRO B 165 27.15 12.11 8.37
N SER B 166 27.38 11.67 7.14
CA SER B 166 27.23 12.61 5.98
C SER B 166 25.78 12.98 5.59
N GLY B 167 24.79 12.24 6.07
CA GLY B 167 23.43 12.48 5.60
C GLY B 167 22.56 11.25 5.64
N HIS B 168 22.08 10.77 4.49
CA HIS B 168 21.27 9.57 4.46
C HIS B 168 21.61 8.75 3.26
N PHE B 170 20.29 5.11 1.08
CA PHE B 170 19.15 4.24 0.97
C PHE B 170 19.59 2.83 0.85
N LEU B 171 19.20 2.02 1.78
CA LEU B 171 19.56 0.64 1.78
C LEU B 171 18.49 -0.14 0.98
N ALA B 172 18.90 -0.81 -0.09
CA ALA B 172 18.00 -1.64 -0.89
C ALA B 172 17.52 -2.87 -0.18
N LYS B 173 16.26 -3.16 -0.35
CA LYS B 173 15.69 -4.42 0.03
C LYS B 173 15.46 -5.17 -1.27
N ASN B 174 15.28 -6.48 -1.20
CA ASN B 174 15.11 -7.21 -2.47
C ASN B 174 13.77 -6.98 -3.14
N PRO B 175 13.78 -6.93 -4.45
CA PRO B 175 12.57 -6.58 -5.19
C PRO B 175 11.65 -7.79 -5.22
N ILE B 176 10.37 -7.52 -5.25
CA ILE B 176 9.38 -8.53 -5.20
C ILE B 176 8.36 -8.26 -6.27
N THR B 177 7.91 -9.33 -6.90
CA THR B 177 6.86 -9.24 -7.87
C THR B 177 5.51 -9.55 -7.21
N ILE B 178 4.55 -8.65 -7.42
CA ILE B 178 3.19 -8.79 -6.91
C ILE B 178 2.29 -8.97 -8.10
N ILE B 179 1.64 -10.12 -8.11
CA ILE B 179 0.80 -10.58 -9.21
C ILE B 179 -0.65 -10.69 -8.79
N LYS B 180 -1.52 -9.95 -9.45
CA LYS B 180 -2.91 -10.13 -9.33
C LYS B 180 -3.56 -10.81 -10.55
N ALA B 181 -4.39 -11.82 -10.32
CA ALA B 181 -5.07 -12.57 -11.39
C ALA B 181 -6.59 -12.63 -11.11
N VAL B 182 -7.41 -12.06 -12.00
CA VAL B 182 -8.87 -11.99 -11.79
C VAL B 182 -9.60 -12.48 -13.07
N ARG B 183 -10.72 -13.25 -12.91
CA ARG B 183 -11.35 -14.01 -13.99
C ARG B 183 -12.88 -13.82 -13.91
#